data_3IPJ
#
_entry.id   3IPJ
#
_cell.length_a   37.635
_cell.length_b   34.734
_cell.length_c   72.195
_cell.angle_alpha   90.00
_cell.angle_beta   90.07
_cell.angle_gamma   90.00
#
_symmetry.space_group_name_H-M   'P 1 21 1'
#
loop_
_entity.id
_entity.type
_entity.pdbx_description
1 polymer 'PTS system, IIabc component'
2 non-polymer 'ZINC ION'
3 water water
#
_entity_poly.entity_id   1
_entity_poly.type   'polypeptide(L)'
_entity_poly.pdbx_seq_one_letter_code
;SNANKYNKIANELIKIIGEDNIISITHCATRLRVMVKDREIINDKKVEKVDEVKGVFFTSGQYQIILGTGIVNKVYAEVE
KMGLKTLSKKEQDEL
;
_entity_poly.pdbx_strand_id   A,B
#
# COMPACT_ATOMS: atom_id res chain seq x y z
N SER A 1 13.67 20.28 -18.81
CA SER A 1 14.33 19.11 -19.37
C SER A 1 13.79 18.81 -20.77
N ASN A 2 14.57 18.02 -21.51
CA ASN A 2 14.17 17.51 -22.80
C ASN A 2 12.98 16.56 -22.70
N ALA A 3 12.35 16.42 -23.84
CA ALA A 3 11.10 15.64 -24.01
C ALA A 3 11.28 14.10 -23.84
N ASN A 4 12.51 13.61 -23.69
CA ASN A 4 12.75 12.19 -23.41
C ASN A 4 12.78 11.89 -21.88
N LYS A 5 12.51 12.89 -21.07
CA LYS A 5 12.56 12.74 -19.63
C LYS A 5 11.80 11.52 -19.17
N TYR A 6 10.61 11.35 -19.75
CA TYR A 6 9.64 10.34 -19.24
C TYR A 6 9.91 8.95 -19.74
N ASN A 7 10.46 8.88 -20.94
CA ASN A 7 10.90 7.61 -21.49
C ASN A 7 12.18 7.09 -20.80
N LYS A 8 13.09 7.97 -20.35
CA LYS A 8 14.29 7.56 -19.54
C LYS A 8 13.87 6.95 -18.18
N ILE A 9 13.02 7.65 -17.44
CA ILE A 9 12.42 7.07 -16.24
C ILE A 9 11.76 5.69 -16.53
N ALA A 10 10.89 5.62 -17.53
CA ALA A 10 10.23 4.34 -17.86
C ALA A 10 11.28 3.29 -18.07
N ASN A 11 12.28 3.59 -18.87
CA ASN A 11 13.33 2.58 -19.12
C ASN A 11 14.13 2.18 -17.90
N GLU A 12 14.45 3.16 -17.06
CA GLU A 12 15.21 2.84 -15.84
C GLU A 12 14.34 1.97 -14.97
N LEU A 13 13.05 2.31 -14.85
CA LEU A 13 12.14 1.52 -14.03
C LEU A 13 12.05 0.07 -14.55
N ILE A 14 11.83 -0.11 -15.86
CA ILE A 14 11.71 -1.47 -16.45
C ILE A 14 13.04 -2.23 -16.17
N LYS A 15 14.18 -1.55 -16.37
CA LYS A 15 15.43 -2.18 -16.17
C LYS A 15 15.67 -2.66 -14.70
N ILE A 16 15.25 -1.87 -13.73
CA ILE A 16 15.44 -2.29 -12.37
C ILE A 16 14.46 -3.42 -11.94
N ILE A 17 13.21 -3.35 -12.38
CA ILE A 17 12.20 -4.38 -12.02
C ILE A 17 12.54 -5.66 -12.78
N GLY A 18 12.95 -5.54 -14.02
CA GLY A 18 13.26 -6.69 -14.85
C GLY A 18 12.13 -6.84 -15.86
N GLU A 19 12.44 -6.81 -17.16
CA GLU A 19 11.34 -6.84 -18.13
C GLU A 19 10.41 -8.09 -17.97
N ASP A 20 11.02 -9.25 -17.79
CA ASP A 20 10.25 -10.49 -17.77
C ASP A 20 9.78 -10.78 -16.33
N ASN A 21 10.03 -9.82 -15.43
CA ASN A 21 9.46 -9.88 -14.07
C ASN A 21 8.09 -9.15 -13.99
N ILE A 22 7.61 -8.61 -15.11
CA ILE A 22 6.40 -7.77 -15.13
C ILE A 22 5.25 -8.61 -15.63
N ILE A 23 4.16 -8.73 -14.86
CA ILE A 23 2.94 -9.41 -15.35
C ILE A 23 2.10 -8.41 -16.18
N SER A 24 1.81 -7.24 -15.57
CA SER A 24 1.01 -6.20 -16.22
C SER A 24 1.22 -4.90 -15.44
N ILE A 25 0.76 -3.77 -16.02
CA ILE A 25 1.04 -2.48 -15.53
C ILE A 25 -0.19 -1.66 -15.72
N THR A 26 -0.53 -0.84 -14.71
CA THR A 26 -1.54 0.24 -14.85
C THR A 26 -1.08 1.40 -13.99
N HIS A 27 -1.99 2.31 -13.69
CA HIS A 27 -1.61 3.45 -12.88
C HIS A 27 -2.81 4.04 -12.18
N CYS A 28 -2.60 4.83 -11.14
CA CYS A 28 -3.71 5.64 -10.61
C CYS A 28 -3.30 7.11 -10.80
N ALA A 29 -3.82 8.01 -9.97
CA ALA A 29 -3.58 9.43 -10.20
C ALA A 29 -2.16 9.75 -9.87
N THR A 30 -1.52 8.95 -8.99
CA THR A 30 -0.17 9.36 -8.54
C THR A 30 0.81 8.21 -8.64
N ARG A 31 0.33 6.96 -8.82
CA ARG A 31 1.26 5.83 -8.82
C ARG A 31 1.23 4.96 -10.09
N LEU A 32 2.40 4.55 -10.51
CA LEU A 32 2.59 3.49 -11.52
C LEU A 32 2.49 2.17 -10.73
N ARG A 33 1.58 1.29 -11.12
CA ARG A 33 1.32 0.10 -10.38
C ARG A 33 1.69 -1.11 -11.22
N VAL A 34 2.73 -1.82 -10.82
CA VAL A 34 3.30 -2.93 -11.61
C VAL A 34 3.05 -4.28 -10.91
N MET A 35 2.24 -5.17 -11.51
CA MET A 35 2.05 -6.53 -10.96
C MET A 35 3.33 -7.27 -11.36
N VAL A 36 4.11 -7.73 -10.37
CA VAL A 36 5.39 -8.38 -10.63
C VAL A 36 5.35 -9.89 -10.23
N LYS A 37 6.18 -10.69 -10.88
CA LYS A 37 6.34 -12.10 -10.56
C LYS A 37 7.09 -12.33 -9.24
N ASP A 38 8.16 -11.59 -9.04
CA ASP A 38 9.04 -11.75 -7.86
C ASP A 38 9.52 -10.37 -7.33
N ARG A 39 8.87 -9.86 -6.28
CA ARG A 39 9.33 -8.63 -5.69
C ARG A 39 10.77 -8.71 -5.13
N GLU A 40 11.18 -9.90 -4.72
CA GLU A 40 12.40 -10.12 -3.95
C GLU A 40 13.66 -9.98 -4.79
N ILE A 41 13.53 -9.77 -6.09
CA ILE A 41 14.70 -9.44 -6.91
C ILE A 41 14.72 -7.96 -7.36
N ILE A 42 13.76 -7.16 -6.87
CA ILE A 42 13.66 -5.74 -7.24
C ILE A 42 14.40 -4.94 -6.15
N ASN A 43 15.43 -4.18 -6.56
CA ASN A 43 16.25 -3.41 -5.67
C ASN A 43 15.53 -2.07 -5.39
N ASP A 44 14.79 -2.00 -4.28
CA ASP A 44 13.94 -0.84 -4.03
C ASP A 44 14.78 0.43 -4.03
N LYS A 45 15.98 0.34 -3.45
CA LYS A 45 16.82 1.53 -3.27
C LYS A 45 17.20 2.15 -4.61
N LYS A 46 17.38 1.28 -5.62
CA LYS A 46 17.69 1.77 -6.95
C LYS A 46 16.45 2.37 -7.59
N VAL A 47 15.29 1.77 -7.35
CA VAL A 47 14.08 2.39 -7.83
C VAL A 47 13.86 3.78 -7.25
N GLU A 48 14.11 3.95 -5.97
CA GLU A 48 13.84 5.18 -5.29
C GLU A 48 14.72 6.31 -5.82
N LYS A 49 15.90 5.97 -6.35
CA LYS A 49 16.87 6.93 -6.91
C LYS A 49 16.52 7.43 -8.31
N VAL A 50 15.53 6.77 -9.00
CA VAL A 50 15.12 7.22 -10.32
C VAL A 50 14.44 8.63 -10.27
N ASP A 51 14.76 9.50 -11.24
CA ASP A 51 14.13 10.82 -11.41
C ASP A 51 12.59 10.74 -11.21
N GLU A 52 12.09 11.66 -10.38
CA GLU A 52 10.68 11.83 -10.11
C GLU A 52 10.09 10.79 -9.18
N VAL A 53 10.86 9.75 -8.81
CA VAL A 53 10.25 8.72 -7.91
C VAL A 53 10.19 9.27 -6.49
N LYS A 54 8.98 9.41 -5.94
CA LYS A 54 8.78 10.03 -4.62
C LYS A 54 8.94 8.97 -3.52
N GLY A 55 8.55 7.72 -3.85
CA GLY A 55 8.73 6.59 -2.95
C GLY A 55 8.33 5.32 -3.67
N VAL A 56 8.46 4.19 -2.99
CA VAL A 56 8.05 2.88 -3.55
C VAL A 56 7.41 2.09 -2.46
N PHE A 57 6.43 1.24 -2.82
CA PHE A 57 5.81 0.30 -1.87
C PHE A 57 5.46 -0.97 -2.63
N PHE A 58 5.55 -2.11 -1.93
CA PHE A 58 5.01 -3.34 -2.46
C PHE A 58 3.88 -3.83 -1.54
N THR A 59 2.72 -4.11 -2.12
CA THR A 59 1.69 -4.74 -1.33
C THR A 59 0.80 -5.51 -2.30
N SER A 60 0.29 -6.68 -1.86
CA SER A 60 -0.78 -7.39 -2.60
C SER A 60 -0.43 -7.67 -4.09
N GLY A 61 0.81 -8.06 -4.32
CA GLY A 61 1.30 -8.36 -5.67
C GLY A 61 1.69 -7.12 -6.47
N GLN A 62 1.37 -5.93 -5.97
CA GLN A 62 1.60 -4.67 -6.71
C GLN A 62 2.85 -3.94 -6.21
N TYR A 63 3.81 -3.76 -7.12
CA TYR A 63 4.96 -2.88 -6.90
C TYR A 63 4.59 -1.42 -7.35
N GLN A 64 4.46 -0.48 -6.39
CA GLN A 64 3.86 0.81 -6.66
C GLN A 64 4.99 1.85 -6.63
N ILE A 65 5.10 2.66 -7.69
CA ILE A 65 6.11 3.68 -7.75
C ILE A 65 5.39 4.98 -7.74
N ILE A 66 5.62 5.78 -6.70
CA ILE A 66 4.89 7.05 -6.59
C ILE A 66 5.61 8.10 -7.46
N LEU A 67 4.90 8.60 -8.49
CA LEU A 67 5.47 9.60 -9.40
C LEU A 67 4.76 10.97 -9.27
N GLY A 68 3.55 11.01 -8.73
CA GLY A 68 2.84 12.28 -8.59
C GLY A 68 1.90 12.45 -9.79
N THR A 69 0.92 13.33 -9.63
CA THR A 69 0.02 13.60 -10.74
C THR A 69 0.74 14.13 -12.00
N GLY A 70 0.15 13.84 -13.16
CA GLY A 70 0.67 14.27 -14.45
C GLY A 70 1.96 13.57 -14.82
N ILE A 71 2.98 13.55 -13.93
CA ILE A 71 4.20 12.79 -14.22
C ILE A 71 3.85 11.28 -14.37
N VAL A 72 2.93 10.74 -13.54
CA VAL A 72 2.57 9.34 -13.65
C VAL A 72 2.00 8.98 -15.06
N ASN A 73 1.15 9.85 -15.64
CA ASN A 73 0.54 9.59 -16.98
C ASN A 73 1.52 9.63 -18.11
N LYS A 74 2.52 10.56 -18.01
CA LYS A 74 3.55 10.77 -19.02
C LYS A 74 4.50 9.58 -19.03
N VAL A 75 4.76 9.02 -17.85
CA VAL A 75 5.60 7.80 -17.76
C VAL A 75 4.79 6.61 -18.25
N TYR A 76 3.51 6.59 -17.90
CA TYR A 76 2.70 5.47 -18.36
C TYR A 76 2.66 5.44 -19.92
N ALA A 77 2.51 6.60 -20.56
CA ALA A 77 2.44 6.72 -22.01
C ALA A 77 3.74 6.21 -22.74
N GLU A 78 4.89 6.35 -22.06
CA GLU A 78 6.11 5.77 -22.58
C GLU A 78 6.05 4.24 -22.44
N VAL A 79 5.72 3.73 -21.25
CA VAL A 79 5.66 2.27 -21.06
C VAL A 79 4.68 1.61 -22.05
N GLU A 80 3.56 2.31 -22.32
CA GLU A 80 2.55 1.85 -23.29
C GLU A 80 3.09 1.48 -24.70
N LYS A 81 4.23 2.00 -25.13
CA LYS A 81 4.76 1.67 -26.46
C LYS A 81 5.74 0.49 -26.36
N MET A 82 6.19 0.22 -25.13
CA MET A 82 7.22 -0.75 -24.89
C MET A 82 6.69 -2.19 -25.13
N GLY A 83 5.37 -2.35 -25.22
CA GLY A 83 4.81 -3.65 -25.50
C GLY A 83 4.45 -4.52 -24.31
N LEU A 84 4.78 -4.10 -23.09
CA LEU A 84 4.40 -4.90 -21.94
C LEU A 84 2.87 -4.89 -21.89
N LYS A 85 2.28 -5.81 -21.12
CA LYS A 85 0.87 -5.82 -20.84
C LYS A 85 0.52 -4.59 -19.97
N THR A 86 0.06 -3.53 -20.59
CA THR A 86 -0.42 -2.35 -19.90
C THR A 86 -1.93 -2.44 -19.90
N LEU A 87 -2.57 -1.99 -18.85
CA LEU A 87 -3.94 -2.40 -18.80
C LEU A 87 -4.85 -1.22 -18.84
N SER A 88 -4.45 -0.11 -18.17
CA SER A 88 -5.18 1.18 -18.18
C SER A 88 -5.98 1.35 -19.50
N LYS A 89 -5.28 1.41 -20.65
CA LYS A 89 -5.94 1.40 -21.97
C LYS A 89 -6.71 0.11 -22.20
N LYS A 90 -7.95 0.07 -21.67
CA LYS A 90 -8.86 -1.06 -21.82
C LYS A 90 -9.06 -1.31 -23.29
N GLU A 91 -9.26 -2.57 -23.65
CA GLU A 91 -9.33 -2.96 -25.05
C GLU A 91 -10.71 -2.76 -25.67
N GLN A 92 -10.74 -2.43 -26.96
CA GLN A 92 -11.99 -2.30 -27.70
C GLN A 92 -13.10 -3.25 -27.24
N ASP A 93 -14.21 -2.60 -26.86
CA ASP A 93 -15.50 -3.26 -26.67
C ASP A 93 -16.00 -3.77 -28.06
N GLU A 94 -16.47 -5.03 -28.12
CA GLU A 94 -17.11 -5.57 -29.32
C GLU A 94 -18.64 -5.26 -29.30
N LEU A 95 -19.27 -5.05 -30.49
CA LEU A 95 -20.72 -4.68 -30.55
C LEU A 95 -21.72 -5.79 -30.13
N SER B 1 -19.49 -12.07 25.71
CA SER B 1 -18.86 -12.83 24.63
C SER B 1 -17.59 -13.47 25.17
N ASN B 2 -17.12 -14.45 24.41
CA ASN B 2 -15.89 -15.13 24.74
C ASN B 2 -14.65 -14.20 24.63
N ALA B 3 -13.61 -14.65 25.27
CA ALA B 3 -12.36 -13.89 25.39
C ALA B 3 -11.59 -13.69 24.03
N ASN B 4 -12.00 -14.34 22.97
CA ASN B 4 -11.37 -14.18 21.65
C ASN B 4 -11.97 -13.02 20.79
N LYS B 5 -12.90 -12.27 21.35
CA LYS B 5 -13.62 -11.23 20.66
C LYS B 5 -12.69 -10.22 19.95
N TYR B 6 -11.69 -9.77 20.72
CA TYR B 6 -10.72 -8.80 20.23
C TYR B 6 -9.74 -9.45 19.27
N ASN B 7 -9.42 -10.70 19.56
CA ASN B 7 -8.64 -11.47 18.60
C ASN B 7 -9.29 -11.56 17.25
N LYS B 8 -10.59 -11.88 17.26
CA LYS B 8 -11.39 -11.96 16.04
C LYS B 8 -11.38 -10.60 15.34
N ILE B 9 -11.60 -9.52 16.11
CA ILE B 9 -11.58 -8.16 15.56
C ILE B 9 -10.23 -7.86 14.89
N ALA B 10 -9.12 -8.11 15.60
CA ALA B 10 -7.74 -7.83 15.09
C ALA B 10 -7.46 -8.63 13.83
N ASN B 11 -7.90 -9.88 13.75
CA ASN B 11 -7.68 -10.65 12.53
C ASN B 11 -8.46 -10.07 11.33
N GLU B 12 -9.74 -9.80 11.57
CA GLU B 12 -10.62 -9.28 10.53
C GLU B 12 -10.14 -7.94 9.98
N LEU B 13 -9.75 -7.02 10.86
CA LEU B 13 -9.19 -5.73 10.41
C LEU B 13 -7.94 -5.92 9.53
N ILE B 14 -6.99 -6.75 9.99
CA ILE B 14 -5.71 -6.98 9.28
C ILE B 14 -5.96 -7.65 7.92
N LYS B 15 -6.90 -8.61 7.87
CA LYS B 15 -7.32 -9.23 6.62
C LYS B 15 -7.84 -8.21 5.57
N ILE B 16 -8.77 -7.36 5.98
CA ILE B 16 -9.34 -6.44 5.06
C ILE B 16 -8.28 -5.41 4.62
N ILE B 17 -7.46 -4.93 5.56
CA ILE B 17 -6.45 -3.93 5.20
C ILE B 17 -5.41 -4.62 4.31
N GLY B 18 -5.09 -5.86 4.61
CA GLY B 18 -4.02 -6.55 3.89
C GLY B 18 -2.77 -6.52 4.76
N GLU B 19 -2.24 -7.69 5.16
CA GLU B 19 -1.16 -7.70 6.12
C GLU B 19 0.11 -6.98 5.58
N ASP B 20 0.44 -7.20 4.31
CA ASP B 20 1.60 -6.53 3.69
C ASP B 20 1.27 -5.09 3.19
N ASN B 21 0.08 -4.61 3.54
CA ASN B 21 -0.29 -3.25 3.31
C ASN B 21 0.02 -2.38 4.55
N ILE B 22 0.62 -2.98 5.58
CA ILE B 22 0.78 -2.26 6.86
C ILE B 22 2.23 -1.81 7.10
N ILE B 23 2.47 -0.49 7.23
CA ILE B 23 3.80 0.04 7.54
C ILE B 23 3.96 -0.08 9.07
N SER B 24 2.96 0.42 9.82
CA SER B 24 3.06 0.35 11.28
C SER B 24 1.74 0.66 11.91
N ILE B 25 1.56 0.24 13.17
CA ILE B 25 0.31 0.50 13.85
C ILE B 25 0.51 1.14 15.19
N THR B 26 -0.30 2.17 15.50
CA THR B 26 -0.29 2.85 16.77
C THR B 26 -1.77 2.91 17.29
N HIS B 27 -1.99 3.39 18.51
CA HIS B 27 -3.34 3.70 18.93
C HIS B 27 -3.44 4.86 19.85
N CYS B 28 -4.62 5.48 19.90
CA CYS B 28 -4.89 6.57 20.83
C CYS B 28 -6.00 6.12 21.81
N ALA B 29 -6.70 7.08 22.45
CA ALA B 29 -7.77 6.78 23.42
C ALA B 29 -8.91 6.01 22.80
N THR B 30 -9.18 6.24 21.52
CA THR B 30 -10.36 5.68 20.89
C THR B 30 -10.12 5.06 19.52
N ARG B 31 -8.91 5.20 18.92
CA ARG B 31 -8.78 4.76 17.51
C ARG B 31 -7.56 3.91 17.30
N LEU B 32 -7.70 2.90 16.48
CA LEU B 32 -6.53 2.16 16.00
C LEU B 32 -6.01 2.92 14.77
N ARG B 33 -4.72 3.25 14.79
CA ARG B 33 -4.13 4.09 13.77
C ARG B 33 -3.12 3.28 12.97
N VAL B 34 -3.42 3.01 11.71
CA VAL B 34 -2.60 2.10 10.90
C VAL B 34 -1.94 2.93 9.76
N MET B 35 -0.61 3.07 9.74
CA MET B 35 0.02 3.72 8.59
C MET B 35 -0.02 2.66 7.49
N VAL B 36 -0.74 2.92 6.39
CA VAL B 36 -0.93 1.93 5.34
C VAL B 36 -0.13 2.33 4.10
N LYS B 37 0.24 1.33 3.28
CA LYS B 37 0.99 1.56 2.05
C LYS B 37 0.09 2.08 0.92
N ASP B 38 -1.16 1.59 0.90
CA ASP B 38 -2.06 1.86 -0.21
C ASP B 38 -3.50 1.79 0.26
N ARG B 39 -4.12 2.95 0.55
CA ARG B 39 -5.51 2.91 1.05
C ARG B 39 -6.58 2.60 -0.02
N GLU B 40 -6.20 2.73 -1.29
CA GLU B 40 -7.13 2.51 -2.36
C GLU B 40 -7.51 1.03 -2.51
N ILE B 41 -6.75 0.09 -1.93
CA ILE B 41 -7.10 -1.35 -1.96
C ILE B 41 -7.71 -1.81 -0.65
N ILE B 42 -8.06 -0.88 0.24
CA ILE B 42 -8.75 -1.26 1.45
C ILE B 42 -10.30 -0.96 1.28
N ASN B 43 -11.16 -2.00 1.47
CA ASN B 43 -12.60 -1.81 1.45
C ASN B 43 -13.16 -1.20 2.76
N ASP B 44 -13.37 0.12 2.77
CA ASP B 44 -13.92 0.81 3.99
C ASP B 44 -15.27 0.24 4.42
N LYS B 45 -16.13 -0.13 3.46
CA LYS B 45 -17.48 -0.62 3.82
C LYS B 45 -17.41 -1.92 4.62
N LYS B 46 -16.46 -2.78 4.25
CA LYS B 46 -16.17 -4.00 4.96
C LYS B 46 -15.59 -3.75 6.36
N VAL B 47 -14.56 -2.90 6.44
CA VAL B 47 -14.04 -2.52 7.76
C VAL B 47 -15.17 -2.00 8.69
N GLU B 48 -16.05 -1.13 8.19
CA GLU B 48 -17.15 -0.58 9.02
C GLU B 48 -18.07 -1.65 9.61
N LYS B 49 -18.10 -2.84 9.00
CA LYS B 49 -19.01 -3.91 9.48
C LYS B 49 -18.42 -4.71 10.65
N VAL B 50 -17.09 -4.60 10.89
CA VAL B 50 -16.43 -5.41 11.91
C VAL B 50 -16.96 -5.05 13.32
N ASP B 51 -17.14 -6.09 14.14
CA ASP B 51 -17.56 -5.97 15.52
C ASP B 51 -16.83 -4.79 16.20
N GLU B 52 -17.58 -3.96 16.95
CA GLU B 52 -17.02 -2.82 17.67
C GLU B 52 -16.50 -1.64 16.84
N VAL B 53 -16.39 -1.78 15.52
CA VAL B 53 -15.97 -0.61 14.70
C VAL B 53 -17.12 0.41 14.67
N LYS B 54 -16.82 1.61 15.18
CA LYS B 54 -17.74 2.72 15.21
C LYS B 54 -17.66 3.53 13.89
N GLY B 55 -16.52 3.44 13.19
CA GLY B 55 -16.38 4.18 11.95
C GLY B 55 -14.91 4.16 11.52
N VAL B 56 -14.68 4.62 10.28
CA VAL B 56 -13.30 4.66 9.75
C VAL B 56 -13.02 5.98 9.06
N PHE B 57 -11.80 6.49 9.22
CA PHE B 57 -11.36 7.68 8.48
C PHE B 57 -9.98 7.37 7.93
N PHE B 58 -9.59 7.99 6.81
CA PHE B 58 -8.19 7.96 6.41
C PHE B 58 -7.78 9.39 6.21
N THR B 59 -6.67 9.78 6.83
CA THR B 59 -6.07 11.08 6.55
C THR B 59 -4.57 11.01 6.85
N SER B 60 -3.77 11.76 6.09
CA SER B 60 -2.34 11.90 6.44
C SER B 60 -1.60 10.53 6.49
N GLY B 61 -1.93 9.63 5.59
CA GLY B 61 -1.26 8.33 5.58
C GLY B 61 -1.74 7.36 6.67
N GLN B 62 -2.64 7.78 7.58
CA GLN B 62 -3.16 6.88 8.64
C GLN B 62 -4.57 6.42 8.33
N TYR B 63 -4.74 5.11 8.22
CA TYR B 63 -6.06 4.49 8.18
C TYR B 63 -6.52 4.31 9.65
N GLN B 64 -7.60 5.02 10.05
CA GLN B 64 -7.97 5.15 11.43
C GLN B 64 -9.24 4.37 11.68
N ILE B 65 -9.25 3.43 12.62
CA ILE B 65 -10.48 2.66 12.87
C ILE B 65 -10.98 2.99 14.28
N ILE B 66 -12.20 3.55 14.39
CA ILE B 66 -12.72 4.00 15.71
C ILE B 66 -13.33 2.81 16.47
N LEU B 67 -12.77 2.47 17.62
CA LEU B 67 -13.20 1.27 18.36
C LEU B 67 -13.68 1.69 19.76
N GLY B 68 -13.36 2.92 20.17
CA GLY B 68 -13.78 3.44 21.45
C GLY B 68 -12.82 3.04 22.58
N THR B 69 -12.99 3.69 23.73
CA THR B 69 -12.13 3.50 24.90
C THR B 69 -12.18 2.06 25.41
N GLY B 70 -11.04 1.58 25.93
CA GLY B 70 -10.92 0.22 26.46
C GLY B 70 -10.76 -0.79 25.32
N ILE B 71 -11.77 -0.87 24.46
CA ILE B 71 -11.78 -1.75 23.30
C ILE B 71 -10.51 -1.54 22.47
N VAL B 72 -10.12 -0.27 22.21
CA VAL B 72 -9.01 -0.12 21.29
C VAL B 72 -7.77 -0.79 21.89
N ASN B 73 -7.63 -0.65 23.21
CA ASN B 73 -6.50 -1.24 23.94
C ASN B 73 -6.50 -2.75 23.83
N LYS B 74 -7.67 -3.36 24.05
CA LYS B 74 -7.82 -4.82 23.89
C LYS B 74 -7.53 -5.34 22.48
N VAL B 75 -8.10 -4.67 21.47
CA VAL B 75 -7.74 -5.04 20.07
C VAL B 75 -6.23 -4.86 19.72
N TYR B 76 -5.68 -3.68 20.09
CA TYR B 76 -4.23 -3.39 19.90
C TYR B 76 -3.33 -4.42 20.64
N ALA B 77 -3.76 -4.91 21.80
CA ALA B 77 -2.95 -5.96 22.47
C ALA B 77 -2.86 -7.26 21.63
N GLU B 78 -3.94 -7.59 20.89
CA GLU B 78 -3.99 -8.75 19.99
C GLU B 78 -3.12 -8.48 18.75
N VAL B 79 -3.14 -7.23 18.31
CA VAL B 79 -2.35 -6.83 17.14
C VAL B 79 -0.84 -6.95 17.40
N GLU B 80 -0.43 -6.66 18.64
CA GLU B 80 0.98 -6.85 19.08
C GLU B 80 1.44 -8.31 18.98
N LYS B 81 0.53 -9.24 19.25
CA LYS B 81 0.81 -10.65 19.12
C LYS B 81 1.07 -11.13 17.67
N MET B 82 0.95 -10.25 16.67
CA MET B 82 0.81 -10.66 15.28
C MET B 82 1.97 -10.26 14.29
N GLY B 83 3.14 -9.90 14.81
CA GLY B 83 4.29 -9.70 13.95
C GLY B 83 4.36 -8.41 13.13
N LEU B 84 3.62 -7.40 13.59
CA LEU B 84 3.49 -6.11 12.94
C LEU B 84 4.52 -5.15 13.55
N LYS B 85 4.71 -3.97 12.97
CA LYS B 85 5.44 -2.89 13.64
C LYS B 85 4.49 -2.03 14.56
N THR B 86 4.47 -2.40 15.83
CA THR B 86 3.59 -1.85 16.83
C THR B 86 4.42 -0.92 17.66
N LEU B 87 4.16 0.34 17.39
CA LEU B 87 4.96 1.41 17.90
C LEU B 87 4.30 2.23 19.03
N SER B 88 3.27 1.68 19.66
CA SER B 88 2.59 2.38 20.73
C SER B 88 3.36 2.23 22.12
N LYS B 89 4.00 1.07 22.38
CA LYS B 89 4.85 0.84 23.59
C LYS B 89 6.23 1.43 23.36
N LYS B 90 6.84 1.94 24.42
CA LYS B 90 8.22 2.35 24.22
C LYS B 90 9.20 1.16 24.40
N GLU B 91 10.04 0.99 23.38
CA GLU B 91 11.08 -0.07 23.36
C GLU B 91 12.03 0.30 24.51
N GLN B 92 12.92 -0.62 24.86
CA GLN B 92 13.91 -0.33 25.90
C GLN B 92 14.85 0.85 25.54
N ASP B 93 14.85 1.90 26.36
CA ASP B 93 15.91 2.90 26.26
C ASP B 93 17.27 2.23 26.66
N GLU B 94 18.34 2.49 25.90
CA GLU B 94 19.66 2.04 26.36
C GLU B 94 20.10 2.96 27.54
N LEU B 95 21.15 2.52 28.27
CA LEU B 95 21.72 3.34 29.37
C LEU B 95 22.69 4.53 28.99
#